data_5WRK
#
_entry.id   5WRK
#
_cell.length_a   126.065
_cell.length_b   126.065
_cell.length_c   73.403
_cell.angle_alpha   90.00
_cell.angle_beta   90.00
_cell.angle_gamma   120.00
#
_symmetry.space_group_name_H-M   'P 64'
#
loop_
_entity.id
_entity.type
_entity.pdbx_description
1 polymer 'AP-2 complex subunit mu'
2 polymer 'Insulin receptor substrate 1'
3 non-polymer 'NICKEL (II) ION'
#
loop_
_entity_poly.entity_id
_entity_poly.type
_entity_poly.pdbx_seq_one_letter_code
_entity_poly.pdbx_strand_id
1 'polypeptide(L)'
;QIGWRREGIKYRRNELFLDVLESVNLLMSPQGQVLSAHVSGRVVMKSYLSGMPECKFGMNDKIVIE(UNK)(UNK)
(UNK)(UNK)(UNK)(UNK)(UNK)(UNK)(UNK)(UNK)(UNK)(UNK)(UNK)(UNK)(UNK)(UNK)(UNK)(UNK)
(UNK)(UNK)(UNK)(UNK)(UNK)(UNK)(UNK)(UNK)(UNK)(UNK)(UNK)(UNK)(UNK)(UNK)(UNK)(UNK)
(UNK)(UNK)(UNK)RSISFIPPDGEFELMRYRTTKDIILPFRVIPLVREVGRTKLEVKVVIKSNFKPSLLAQKIEVRIP
TPLNTSGVQVICMKGKAKYKASENAIVWKIKRMAGMKESQISAEIELLPTNDKKKWARPPISMNFEVPFAPSGLKVRYLK
VFEPKLNYSDHDVIKWVRYIGRSGIYETRC
;
A
2 'polypeptide(L)' GYMPMSPG P
#
# COMPACT_ATOMS: atom_id res chain seq x y z
N ILE A 2 -36.34 -2.13 4.03
CA ILE A 2 -34.97 -2.15 3.52
C ILE A 2 -34.58 -3.55 3.08
N GLY A 3 -34.16 -3.66 1.81
CA GLY A 3 -33.74 -4.92 1.22
C GLY A 3 -32.36 -5.38 1.57
N TRP A 4 -31.56 -4.56 2.28
CA TRP A 4 -30.21 -4.94 2.67
C TRP A 4 -30.06 -5.17 4.17
N ARG A 5 -31.07 -4.91 4.99
CA ARG A 5 -30.96 -5.07 6.44
C ARG A 5 -32.28 -5.54 7.05
N ARG A 6 -32.19 -6.55 7.92
CA ARG A 6 -33.34 -7.12 8.60
C ARG A 6 -33.74 -6.29 9.82
N GLU A 7 -34.89 -6.63 10.41
CA GLU A 7 -35.54 -5.71 11.34
C GLU A 7 -34.94 -5.77 12.75
N GLY A 8 -34.96 -6.95 13.38
CA GLY A 8 -34.71 -7.00 14.81
C GLY A 8 -33.31 -7.34 15.31
N ILE A 9 -32.28 -6.66 14.80
CA ILE A 9 -30.90 -6.99 15.11
C ILE A 9 -30.53 -6.47 16.49
N LYS A 10 -29.91 -7.33 17.31
CA LYS A 10 -29.53 -6.98 18.67
C LYS A 10 -28.10 -7.40 18.96
N TYR A 11 -27.32 -6.48 19.52
CA TYR A 11 -25.99 -6.77 20.00
C TYR A 11 -25.82 -6.13 21.37
N ARG A 12 -25.43 -6.93 22.37
CA ARG A 12 -24.99 -6.35 23.62
C ARG A 12 -23.80 -5.42 23.39
N ARG A 13 -22.83 -5.88 22.61
CA ARG A 13 -21.61 -5.13 22.29
C ARG A 13 -21.79 -4.49 20.91
N ASN A 14 -22.18 -3.20 20.86
CA ASN A 14 -22.37 -2.52 19.59
C ASN A 14 -21.03 -1.98 19.11
N GLU A 15 -20.48 -2.63 18.09
CA GLU A 15 -19.10 -2.42 17.69
C GLU A 15 -19.03 -2.31 16.17
N LEU A 16 -18.04 -1.55 15.69
CA LEU A 16 -17.81 -1.42 14.24
C LEU A 16 -16.31 -1.31 13.98
N PHE A 17 -15.92 -1.76 12.79
CA PHE A 17 -14.54 -1.74 12.32
C PHE A 17 -14.52 -1.15 10.92
N LEU A 18 -13.62 -0.20 10.67
CA LEU A 18 -13.45 0.40 9.34
C LEU A 18 -12.09 0.05 8.78
N ASP A 19 -12.07 -0.38 7.53
CA ASP A 19 -10.84 -0.69 6.82
C ASP A 19 -10.67 0.30 5.68
N VAL A 20 -9.60 1.07 5.72
CA VAL A 20 -9.16 1.90 4.59
C VAL A 20 -8.10 1.14 3.82
N LEU A 21 -8.45 0.62 2.65
CA LEU A 21 -7.58 -0.26 1.86
C LEU A 21 -7.19 0.42 0.57
N GLU A 22 -5.89 0.63 0.37
CA GLU A 22 -5.38 1.44 -0.73
C GLU A 22 -4.23 0.76 -1.45
N SER A 23 -4.25 0.87 -2.77
CA SER A 23 -3.18 0.40 -3.64
C SER A 23 -2.51 1.64 -4.24
N VAL A 24 -1.22 1.83 -3.96
CA VAL A 24 -0.49 2.99 -4.50
C VAL A 24 0.38 2.56 -5.69
N ASN A 25 0.20 3.23 -6.82
CA ASN A 25 0.88 2.92 -8.07
C ASN A 25 1.83 4.04 -8.45
N LEU A 26 3.01 3.66 -8.94
CA LEU A 26 4.09 4.60 -9.15
C LEU A 26 4.96 4.12 -10.29
N LEU A 27 5.26 5.04 -11.20
CA LEU A 27 6.30 4.86 -12.19
C LEU A 27 7.26 6.03 -12.06
N MET A 28 8.52 5.76 -11.72
CA MET A 28 9.48 6.82 -11.48
C MET A 28 10.69 6.68 -12.39
N SER A 29 11.22 7.82 -12.82
CA SER A 29 12.40 7.87 -13.66
C SER A 29 13.66 7.59 -12.84
N PRO A 30 14.79 7.29 -13.51
CA PRO A 30 16.03 7.02 -12.76
C PRO A 30 16.48 8.15 -11.85
N GLN A 31 16.27 9.40 -12.27
CA GLN A 31 16.71 10.56 -11.50
C GLN A 31 15.71 10.96 -10.40
N GLY A 32 14.48 10.42 -10.43
CA GLY A 32 13.54 10.67 -9.36
C GLY A 32 12.30 11.48 -9.73
N GLN A 33 12.07 11.64 -11.03
CA GLN A 33 10.87 12.29 -11.54
C GLN A 33 9.69 11.33 -11.43
N VAL A 34 8.55 11.82 -10.93
CA VAL A 34 7.34 11.02 -10.92
C VAL A 34 6.74 11.09 -12.31
N LEU A 35 6.81 9.99 -13.05
CA LEU A 35 6.19 9.95 -14.37
C LEU A 35 4.70 9.70 -14.27
N SER A 36 4.25 9.07 -13.19
CA SER A 36 2.86 8.62 -13.06
C SER A 36 2.63 8.10 -11.65
N ALA A 37 1.54 8.52 -11.01
CA ALA A 37 1.24 8.08 -9.66
C ALA A 37 -0.25 8.20 -9.40
N HIS A 38 -0.84 7.14 -8.84
CA HIS A 38 -2.25 7.21 -8.50
C HIS A 38 -2.53 6.17 -7.42
N VAL A 39 -3.58 6.42 -6.65
CA VAL A 39 -4.04 5.52 -5.59
C VAL A 39 -5.44 5.03 -5.94
N SER A 40 -5.71 3.74 -5.70
CA SER A 40 -7.05 3.18 -5.73
C SER A 40 -7.33 2.64 -4.34
N GLY A 41 -8.48 3.04 -3.78
CA GLY A 41 -8.83 2.65 -2.43
C GLY A 41 -10.28 2.23 -2.34
N ARG A 42 -10.57 1.39 -1.34
CA ARG A 42 -11.93 1.23 -0.88
C ARG A 42 -11.95 1.28 0.64
N VAL A 43 -13.12 1.64 1.17
CA VAL A 43 -13.41 1.59 2.59
C VAL A 43 -14.42 0.48 2.85
N VAL A 44 -14.01 -0.53 3.60
CA VAL A 44 -14.87 -1.63 4.00
C VAL A 44 -15.28 -1.42 5.44
N MET A 45 -16.55 -1.59 5.71
CA MET A 45 -17.10 -1.45 7.05
C MET A 45 -17.53 -2.82 7.54
N LYS A 46 -17.16 -3.17 8.77
CA LYS A 46 -17.68 -4.36 9.44
C LYS A 46 -18.38 -3.88 10.70
N SER A 47 -19.70 -4.04 10.71
CA SER A 47 -20.59 -3.39 11.67
C SER A 47 -21.43 -4.42 12.42
N TYR A 48 -21.52 -4.24 13.75
CA TYR A 48 -22.38 -5.07 14.62
C TYR A 48 -23.16 -4.10 15.49
N LEU A 49 -24.24 -3.57 14.95
CA LEU A 49 -24.98 -2.47 15.55
C LEU A 49 -26.45 -2.84 15.69
N SER A 50 -27.02 -2.58 16.85
CA SER A 50 -28.38 -3.00 17.12
C SER A 50 -29.39 -2.14 16.35
N GLY A 51 -30.44 -2.80 15.85
CA GLY A 51 -31.56 -2.07 15.26
C GLY A 51 -31.33 -1.67 13.82
N MET A 52 -31.57 -0.40 13.52
CA MET A 52 -31.45 0.17 12.18
C MET A 52 -30.71 1.49 12.31
N PRO A 53 -29.38 1.46 12.45
CA PRO A 53 -28.66 2.70 12.78
C PRO A 53 -28.42 3.58 11.57
N GLU A 54 -28.65 4.88 11.74
CA GLU A 54 -28.29 5.89 10.75
C GLU A 54 -26.85 6.31 11.02
N CYS A 55 -25.96 6.02 10.07
CA CYS A 55 -24.54 6.25 10.22
C CYS A 55 -24.06 7.40 9.34
N LYS A 56 -23.04 8.11 9.81
CA LYS A 56 -22.47 9.25 9.10
C LYS A 56 -20.95 9.10 9.14
N PHE A 57 -20.34 8.93 7.96
CA PHE A 57 -18.92 8.66 7.82
C PHE A 57 -18.19 9.93 7.39
N GLY A 58 -17.27 10.40 8.23
CA GLY A 58 -16.59 11.66 8.00
C GLY A 58 -15.11 11.46 7.71
N MET A 59 -14.65 12.11 6.65
CA MET A 59 -13.25 12.01 6.25
C MET A 59 -12.75 13.42 5.94
N ASN A 60 -11.69 13.52 5.12
CA ASN A 60 -10.92 14.76 5.01
C ASN A 60 -10.68 15.21 3.57
N ASP A 61 -11.50 14.78 2.62
CA ASP A 61 -11.50 15.28 1.24
C ASP A 61 -10.08 15.31 0.62
N LYS A 62 -9.58 14.11 0.34
CA LYS A 62 -8.39 13.90 -0.48
C LYS A 62 -8.73 13.08 -1.73
N ILE A 63 -10.02 12.96 -2.07
CA ILE A 63 -10.60 11.74 -2.63
C ILE A 63 -11.50 12.09 -3.82
N VAL A 64 -11.57 11.16 -4.79
CA VAL A 64 -12.55 11.23 -5.89
C VAL A 64 -13.39 9.96 -5.84
N ILE A 65 -14.61 10.09 -5.32
CA ILE A 65 -15.47 8.95 -4.99
C ILE A 65 -16.21 8.45 -6.21
N GLU A 66 -16.30 7.15 -6.35
CA GLU A 66 -17.18 6.52 -7.32
C GLU A 66 -18.43 5.99 -6.67
N UNK A 70 -26.23 1.76 -1.73
CA UNK A 70 -26.96 3.03 -1.84
C UNK A 70 -26.76 3.91 -0.61
N UNK A 71 -26.30 5.15 -0.82
CA UNK A 71 -26.03 6.09 0.27
C UNK A 71 -26.57 7.48 -0.04
N UNK A 72 -25.93 8.52 0.49
CA UNK A 72 -26.35 9.90 0.25
C UNK A 72 -25.17 10.82 0.52
N UNK A 73 -24.63 11.43 -0.54
CA UNK A 73 -23.38 12.19 -0.45
C UNK A 73 -23.63 13.63 0.01
N UNK A 74 -22.76 14.10 0.90
CA UNK A 74 -22.76 15.50 1.36
C UNK A 74 -21.36 16.10 1.24
N ARG A 104 -16.56 14.78 1.77
CA ARG A 104 -16.22 14.93 3.18
C ARG A 104 -17.17 14.17 4.15
N SER A 105 -18.35 13.75 3.69
CA SER A 105 -19.35 13.22 4.61
C SER A 105 -20.36 12.36 3.88
N ILE A 106 -20.50 11.09 4.29
CA ILE A 106 -21.45 10.16 3.70
C ILE A 106 -22.41 9.69 4.80
N SER A 107 -23.71 9.71 4.51
CA SER A 107 -24.74 9.23 5.41
C SER A 107 -25.39 7.98 4.81
N PHE A 108 -25.74 7.04 5.68
CA PHE A 108 -26.17 5.72 5.23
C PHE A 108 -26.65 4.91 6.41
N ILE A 109 -27.52 3.94 6.12
CA ILE A 109 -27.85 2.86 7.06
C ILE A 109 -27.12 1.61 6.59
N PRO A 110 -26.17 1.09 7.36
CA PRO A 110 -25.33 0.01 6.85
C PRO A 110 -26.05 -1.33 6.93
N PRO A 111 -25.71 -2.26 6.04
CA PRO A 111 -26.10 -3.65 6.26
C PRO A 111 -25.33 -4.24 7.41
N ASP A 112 -25.91 -5.25 8.03
CA ASP A 112 -25.25 -5.91 9.14
C ASP A 112 -24.07 -6.74 8.62
N GLY A 113 -22.99 -6.79 9.40
CA GLY A 113 -21.82 -7.51 8.98
C GLY A 113 -20.90 -6.67 8.13
N GLU A 114 -20.14 -7.33 7.25
CA GLU A 114 -19.12 -6.69 6.43
C GLU A 114 -19.70 -6.24 5.10
N PHE A 115 -19.36 -5.01 4.67
CA PHE A 115 -19.74 -4.54 3.35
C PHE A 115 -18.78 -3.46 2.85
N GLU A 116 -18.82 -3.20 1.55
CA GLU A 116 -17.96 -2.19 0.94
C GLU A 116 -18.67 -0.84 0.92
N LEU A 117 -18.16 0.13 1.67
CA LEU A 117 -18.83 1.41 1.76
C LEU A 117 -18.56 2.29 0.55
N MET A 118 -17.34 2.28 -0.01
CA MET A 118 -17.07 3.12 -1.16
C MET A 118 -15.78 2.67 -1.83
N ARG A 119 -15.65 3.06 -3.10
CA ARG A 119 -14.42 2.97 -3.88
C ARG A 119 -13.98 4.37 -4.28
N TYR A 120 -12.67 4.59 -4.39
CA TYR A 120 -12.19 5.91 -4.73
C TYR A 120 -10.84 5.85 -5.41
N ARG A 121 -10.45 6.98 -6.01
CA ARG A 121 -9.20 7.12 -6.74
C ARG A 121 -8.59 8.50 -6.49
N THR A 122 -7.27 8.55 -6.37
CA THR A 122 -6.56 9.82 -6.19
C THR A 122 -5.36 9.88 -7.12
N THR A 123 -5.07 11.07 -7.62
CA THR A 123 -3.81 11.31 -8.30
C THR A 123 -3.00 12.44 -7.69
N LYS A 124 -3.56 13.19 -6.74
CA LYS A 124 -2.94 14.39 -6.21
C LYS A 124 -2.46 14.16 -4.80
N ASP A 125 -1.30 14.74 -4.50
CA ASP A 125 -0.72 14.80 -3.15
C ASP A 125 -0.62 13.42 -2.52
N ILE A 126 0.01 12.51 -3.25
CA ILE A 126 0.14 11.12 -2.85
C ILE A 126 1.43 10.96 -2.06
N ILE A 127 1.35 10.21 -0.97
CA ILE A 127 2.54 9.84 -0.22
C ILE A 127 3.13 8.60 -0.89
N LEU A 128 4.30 8.76 -1.49
CA LEU A 128 5.07 7.63 -2.00
C LEU A 128 5.87 7.07 -0.83
N PRO A 129 5.49 5.91 -0.30
CA PRO A 129 6.17 5.40 0.90
C PRO A 129 7.63 5.08 0.69
N PHE A 130 8.05 4.72 -0.52
CA PHE A 130 9.44 4.35 -0.74
C PHE A 130 10.04 5.07 -1.94
N ARG A 131 11.26 5.53 -1.78
CA ARG A 131 12.08 5.98 -2.89
C ARG A 131 13.08 4.87 -3.21
N VAL A 132 13.13 4.46 -4.47
CA VAL A 132 14.13 3.50 -4.95
C VAL A 132 15.17 4.25 -5.80
N ILE A 133 16.43 4.13 -5.44
CA ILE A 133 17.52 4.86 -6.08
C ILE A 133 18.50 3.85 -6.69
N PRO A 134 18.37 3.53 -7.97
CA PRO A 134 19.23 2.51 -8.57
C PRO A 134 20.53 3.11 -9.08
N LEU A 135 21.51 2.23 -9.25
CA LEU A 135 22.81 2.61 -9.77
C LEU A 135 23.39 1.41 -10.51
N VAL A 136 23.73 1.60 -11.78
CA VAL A 136 24.18 0.50 -12.62
C VAL A 136 25.45 0.93 -13.34
N ARG A 137 26.51 0.17 -13.14
CA ARG A 137 27.79 0.37 -13.79
C ARG A 137 28.10 -0.88 -14.62
N GLU A 138 28.49 -0.69 -15.86
CA GLU A 138 28.94 -1.80 -16.69
C GLU A 138 30.44 -1.96 -16.52
N VAL A 139 30.90 -3.21 -16.60
CA VAL A 139 32.32 -3.54 -16.39
C VAL A 139 32.71 -4.46 -17.53
N GLY A 140 33.25 -3.89 -18.62
CA GLY A 140 33.49 -4.73 -19.76
C GLY A 140 32.19 -5.38 -20.20
N ARG A 141 32.33 -6.52 -20.87
CA ARG A 141 31.18 -7.30 -21.30
C ARG A 141 30.85 -8.43 -20.32
N THR A 142 31.45 -8.41 -19.13
CA THR A 142 31.42 -9.54 -18.21
C THR A 142 30.66 -9.31 -16.92
N LYS A 143 30.76 -8.13 -16.29
CA LYS A 143 30.12 -7.83 -15.02
C LYS A 143 29.09 -6.71 -15.18
N LEU A 144 28.01 -6.80 -14.41
CA LEU A 144 27.14 -5.68 -14.12
C LEU A 144 27.18 -5.40 -12.63
N GLU A 145 27.65 -4.21 -12.26
CA GLU A 145 27.65 -3.76 -10.87
C GLU A 145 26.36 -3.00 -10.60
N VAL A 146 25.54 -3.50 -9.68
CA VAL A 146 24.25 -2.91 -9.38
C VAL A 146 24.15 -2.62 -7.89
N LYS A 147 23.89 -1.37 -7.55
CA LYS A 147 23.59 -0.95 -6.18
C LYS A 147 22.18 -0.34 -6.17
N VAL A 148 21.35 -0.78 -5.23
CA VAL A 148 20.00 -0.25 -5.07
C VAL A 148 19.80 0.19 -3.63
N VAL A 149 19.35 1.45 -3.47
CA VAL A 149 19.08 2.06 -2.16
C VAL A 149 17.58 2.28 -2.08
N ILE A 150 16.96 1.87 -0.99
CA ILE A 150 15.56 2.18 -0.72
C ILE A 150 15.51 3.06 0.51
N LYS A 151 14.66 4.08 0.47
CA LYS A 151 14.42 4.99 1.58
C LYS A 151 12.95 4.98 1.93
N SER A 152 12.63 4.81 3.21
CA SER A 152 11.24 4.86 3.66
C SER A 152 10.87 6.30 4.02
N ASN A 153 9.79 6.80 3.42
CA ASN A 153 9.36 8.18 3.58
C ASN A 153 8.01 8.20 4.31
N PHE A 154 8.07 8.00 5.61
CA PHE A 154 6.88 8.08 6.46
C PHE A 154 7.35 8.17 7.90
N LYS A 155 6.40 8.36 8.81
CA LYS A 155 6.73 8.55 10.22
C LYS A 155 7.65 7.43 10.70
N PRO A 156 8.68 7.74 11.49
CA PRO A 156 9.54 6.67 12.04
C PRO A 156 8.84 5.78 13.06
N SER A 157 7.66 6.17 13.56
CA SER A 157 6.92 5.32 14.48
C SER A 157 6.11 4.25 13.77
N LEU A 158 6.06 4.26 12.43
CA LEU A 158 5.31 3.31 11.63
C LEU A 158 6.28 2.36 10.92
N LEU A 159 5.82 1.13 10.72
CA LEU A 159 6.60 0.08 10.09
C LEU A 159 5.99 -0.33 8.76
N ALA A 160 6.76 -0.27 7.70
CA ALA A 160 6.42 -1.05 6.54
C ALA A 160 6.69 -2.52 6.81
N GLN A 161 5.93 -3.39 6.16
CA GLN A 161 6.11 -4.83 6.26
C GLN A 161 6.01 -5.45 4.89
N LYS A 162 6.46 -6.71 4.79
CA LYS A 162 6.39 -7.49 3.56
C LYS A 162 7.04 -6.75 2.39
N ILE A 163 8.21 -6.16 2.64
CA ILE A 163 8.95 -5.43 1.61
C ILE A 163 9.68 -6.42 0.71
N GLU A 164 9.52 -6.25 -0.60
CA GLU A 164 10.25 -7.03 -1.58
C GLU A 164 10.74 -6.10 -2.69
N VAL A 165 12.03 -6.18 -3.02
CA VAL A 165 12.63 -5.36 -4.07
C VAL A 165 13.10 -6.32 -5.16
N ARG A 166 12.63 -6.10 -6.38
CA ARG A 166 12.83 -7.03 -7.48
C ARG A 166 13.73 -6.35 -8.52
N ILE A 167 14.94 -6.86 -8.68
CA ILE A 167 15.93 -6.31 -9.61
C ILE A 167 16.07 -7.25 -10.80
N PRO A 168 15.71 -6.84 -12.01
CA PRO A 168 15.82 -7.75 -13.15
C PRO A 168 17.27 -7.96 -13.55
N THR A 169 17.54 -9.14 -14.09
CA THR A 169 18.87 -9.45 -14.58
C THR A 169 18.78 -9.91 -16.02
N PRO A 170 19.83 -9.67 -16.82
CA PRO A 170 19.77 -10.05 -18.24
C PRO A 170 19.70 -11.57 -18.40
N LEU A 171 19.33 -11.98 -19.61
CA LEU A 171 19.17 -13.41 -19.87
C LEU A 171 20.50 -14.13 -20.03
N ASN A 172 21.56 -13.42 -20.41
CA ASN A 172 22.87 -14.03 -20.48
C ASN A 172 23.58 -13.97 -19.13
N THR A 173 22.82 -14.08 -18.04
CA THR A 173 23.39 -14.02 -16.70
C THR A 173 23.87 -15.40 -16.29
N SER A 174 25.15 -15.50 -15.94
CA SER A 174 25.75 -16.75 -15.53
C SER A 174 25.94 -16.86 -14.02
N GLY A 175 25.52 -15.85 -13.27
CA GLY A 175 25.75 -15.85 -11.84
C GLY A 175 25.55 -14.47 -11.26
N VAL A 176 25.28 -14.45 -9.95
CA VAL A 176 25.05 -13.21 -9.23
C VAL A 176 25.68 -13.31 -7.85
N GLN A 177 26.43 -12.29 -7.46
CA GLN A 177 26.82 -12.10 -6.07
C GLN A 177 26.01 -10.94 -5.49
N VAL A 178 25.48 -11.12 -4.27
CA VAL A 178 24.81 -10.02 -3.58
C VAL A 178 25.37 -9.90 -2.16
N ILE A 179 25.41 -8.66 -1.68
CA ILE A 179 25.58 -8.37 -0.26
C ILE A 179 24.42 -7.49 0.17
N CYS A 180 23.75 -7.85 1.26
CA CYS A 180 22.82 -6.89 1.83
C CYS A 180 22.79 -7.04 3.34
N MET A 181 23.06 -5.93 4.03
CA MET A 181 23.09 -5.91 5.48
C MET A 181 21.72 -6.13 6.12
N LYS A 182 20.64 -5.84 5.40
CA LYS A 182 19.30 -6.03 5.94
C LYS A 182 18.50 -6.91 5.00
N GLY A 183 17.70 -7.80 5.59
CA GLY A 183 16.92 -8.72 4.81
C GLY A 183 17.75 -9.83 4.18
N LYS A 184 17.11 -10.52 3.24
CA LYS A 184 17.72 -11.59 2.46
C LYS A 184 17.42 -11.35 0.99
N ALA A 185 18.32 -11.82 0.11
CA ALA A 185 18.17 -11.71 -1.33
C ALA A 185 18.64 -12.99 -2.02
N LYS A 186 17.82 -13.51 -2.93
CA LYS A 186 18.22 -14.62 -3.79
C LYS A 186 18.16 -14.18 -5.25
N TYR A 187 19.16 -14.59 -6.04
CA TYR A 187 19.00 -14.57 -7.49
C TYR A 187 18.12 -15.76 -7.86
N LYS A 188 17.02 -15.48 -8.55
CA LYS A 188 16.10 -16.51 -9.01
C LYS A 188 16.23 -16.61 -10.53
N ALA A 189 17.12 -17.51 -10.98
CA ALA A 189 17.48 -17.59 -12.39
C ALA A 189 16.27 -17.73 -13.30
N SER A 190 15.36 -18.64 -12.95
CA SER A 190 14.15 -18.85 -13.74
C SER A 190 13.37 -17.56 -13.95
N GLU A 191 13.19 -16.77 -12.89
CA GLU A 191 12.49 -15.50 -12.98
C GLU A 191 13.36 -14.36 -13.51
N ASN A 192 14.65 -14.63 -13.76
CA ASN A 192 15.59 -13.60 -14.19
C ASN A 192 15.54 -12.35 -13.34
N ALA A 193 15.46 -12.54 -12.03
CA ALA A 193 15.40 -11.42 -11.10
C ALA A 193 16.17 -11.75 -9.83
N ILE A 194 16.71 -10.70 -9.21
CA ILE A 194 17.18 -10.75 -7.83
C ILE A 194 16.03 -10.25 -6.96
N VAL A 195 15.65 -11.05 -5.96
CA VAL A 195 14.52 -10.74 -5.10
C VAL A 195 15.05 -10.49 -3.70
N TRP A 196 14.92 -9.25 -3.25
CA TRP A 196 15.38 -8.80 -1.95
C TRP A 196 14.16 -8.67 -1.04
N LYS A 197 14.13 -9.45 0.04
CA LYS A 197 13.00 -9.47 0.97
C LYS A 197 13.40 -8.88 2.31
N ILE A 198 12.50 -8.09 2.90
CA ILE A 198 12.73 -7.40 4.16
C ILE A 198 11.44 -7.46 4.98
N LYS A 199 11.52 -8.05 6.17
CA LYS A 199 10.31 -8.24 6.97
C LYS A 199 9.76 -6.92 7.48
N ARG A 200 10.63 -6.05 8.02
CA ARG A 200 10.20 -4.81 8.67
C ARG A 200 11.15 -3.69 8.33
N MET A 201 10.59 -2.48 8.22
CA MET A 201 11.43 -1.29 8.03
C MET A 201 10.66 -0.08 8.54
N ALA A 202 11.23 0.63 9.50
CA ALA A 202 10.58 1.81 10.03
C ALA A 202 10.77 3.00 9.10
N GLY A 203 9.93 4.01 9.29
CA GLY A 203 9.99 5.17 8.44
C GLY A 203 11.24 6.00 8.69
N MET A 204 11.64 6.74 7.64
CA MET A 204 12.82 7.62 7.68
C MET A 204 14.09 6.81 7.88
N LYS A 205 14.20 5.69 7.18
CA LYS A 205 15.38 4.85 7.23
C LYS A 205 15.89 4.60 5.81
N GLU A 206 17.07 3.99 5.72
CA GLU A 206 17.73 3.77 4.44
C GLU A 206 18.34 2.37 4.43
N SER A 207 18.24 1.67 3.30
CA SER A 207 18.86 0.36 3.20
C SER A 207 19.32 0.16 1.77
N GLN A 208 20.37 -0.64 1.61
CA GLN A 208 20.86 -0.90 0.27
C GLN A 208 21.29 -2.34 0.11
N ILE A 209 21.26 -2.77 -1.15
CA ILE A 209 21.77 -4.04 -1.61
C ILE A 209 22.79 -3.76 -2.71
N SER A 210 23.86 -4.55 -2.74
CA SER A 210 24.84 -4.49 -3.83
C SER A 210 24.85 -5.84 -4.52
N ALA A 211 24.76 -5.83 -5.86
CA ALA A 211 24.79 -7.03 -6.68
C ALA A 211 25.87 -6.91 -7.74
N GLU A 212 26.55 -8.02 -8.01
CA GLU A 212 27.49 -8.13 -9.13
C GLU A 212 26.94 -9.22 -10.03
N ILE A 213 26.54 -8.84 -11.25
CA ILE A 213 25.85 -9.73 -12.18
C ILE A 213 26.86 -10.24 -13.19
N GLU A 214 27.19 -11.53 -13.10
CA GLU A 214 28.16 -12.13 -14.00
C GLU A 214 27.48 -12.51 -15.32
N LEU A 215 28.03 -12.03 -16.44
CA LEU A 215 27.41 -12.11 -17.75
C LEU A 215 28.09 -13.10 -18.68
N LEU A 216 27.30 -13.84 -19.44
CA LEU A 216 27.81 -14.69 -20.50
C LEU A 216 28.04 -13.87 -21.78
N PRO A 217 28.89 -14.35 -22.68
CA PRO A 217 28.95 -13.75 -24.01
C PRO A 217 27.59 -13.78 -24.69
N THR A 218 27.33 -12.75 -25.48
CA THR A 218 26.02 -12.64 -26.10
C THR A 218 26.20 -11.95 -27.44
N ASN A 219 25.18 -12.05 -28.29
CA ASN A 219 25.27 -11.42 -29.59
C ASN A 219 25.45 -9.93 -29.42
N ASP A 220 26.51 -9.40 -30.05
CA ASP A 220 27.02 -8.09 -29.72
C ASP A 220 25.96 -7.01 -29.92
N LYS A 221 25.28 -7.04 -31.07
CA LYS A 221 24.28 -6.03 -31.40
C LYS A 221 23.11 -6.03 -30.42
N LYS A 222 22.87 -7.15 -29.74
CA LYS A 222 21.87 -7.19 -28.68
C LYS A 222 22.34 -6.34 -27.50
N LYS A 223 21.62 -5.26 -27.21
CA LYS A 223 21.92 -4.38 -26.10
C LYS A 223 20.81 -4.43 -25.07
N TRP A 224 21.19 -4.42 -23.78
CA TRP A 224 20.22 -4.68 -22.71
C TRP A 224 19.37 -3.44 -22.45
N ALA A 225 18.06 -3.58 -22.61
CA ALA A 225 17.10 -2.56 -22.18
C ALA A 225 16.69 -2.88 -20.76
N ARG A 226 17.27 -2.15 -19.78
CA ARG A 226 17.09 -2.35 -18.35
C ARG A 226 15.63 -2.20 -17.92
N PRO A 227 14.95 -3.28 -17.57
CA PRO A 227 13.57 -3.16 -17.04
C PRO A 227 13.58 -2.48 -15.68
N PRO A 228 12.43 -2.00 -15.21
CA PRO A 228 12.40 -1.24 -13.97
C PRO A 228 12.64 -2.14 -12.78
N ILE A 229 13.18 -1.54 -11.73
CA ILE A 229 13.20 -2.14 -10.40
C ILE A 229 11.85 -1.94 -9.76
N SER A 230 11.23 -3.02 -9.33
CA SER A 230 9.88 -2.95 -8.79
C SER A 230 9.87 -3.32 -7.31
N MET A 231 8.95 -2.70 -6.58
CA MET A 231 8.78 -2.94 -5.16
C MET A 231 7.42 -3.51 -4.84
N ASN A 232 7.37 -4.28 -3.77
CA ASN A 232 6.15 -4.54 -3.04
C ASN A 232 6.39 -4.23 -1.57
N PHE A 233 5.32 -3.80 -0.89
CA PHE A 233 5.39 -3.44 0.52
C PHE A 233 3.97 -3.31 1.04
N GLU A 234 3.86 -3.15 2.36
CA GLU A 234 2.60 -2.86 3.03
C GLU A 234 2.86 -1.87 4.14
N VAL A 235 2.04 -0.81 4.21
CA VAL A 235 2.25 0.26 5.17
C VAL A 235 0.97 0.47 5.98
N PRO A 236 1.05 0.88 7.25
CA PRO A 236 -0.16 1.01 8.07
C PRO A 236 -0.82 2.37 7.96
N PHE A 237 -0.64 3.05 6.85
CA PHE A 237 -1.34 4.31 6.60
C PHE A 237 -1.87 4.29 5.18
N ALA A 238 -2.69 5.28 4.88
CA ALA A 238 -3.26 5.43 3.54
C ALA A 238 -2.35 6.32 2.69
N PRO A 239 -1.79 5.81 1.61
CA PRO A 239 -0.93 6.68 0.75
C PRO A 239 -1.65 7.89 0.19
N SER A 240 -2.98 7.82 0.01
CA SER A 240 -3.77 8.97 -0.47
C SER A 240 -3.74 10.16 0.46
N GLY A 241 -3.49 9.94 1.75
CA GLY A 241 -3.66 10.96 2.76
C GLY A 241 -5.00 10.91 3.45
N LEU A 242 -5.88 10.00 3.04
CA LEU A 242 -7.23 9.94 3.60
C LEU A 242 -7.18 9.65 5.09
N LYS A 243 -8.01 10.38 5.84
CA LYS A 243 -8.11 10.20 7.28
C LYS A 243 -9.58 10.03 7.64
N VAL A 244 -9.88 9.01 8.42
CA VAL A 244 -11.21 8.87 8.98
C VAL A 244 -11.31 9.81 10.18
N ARG A 245 -12.34 10.66 10.18
CA ARG A 245 -12.51 11.62 11.26
C ARG A 245 -13.56 11.17 12.25
N TYR A 246 -14.61 10.52 11.78
CA TYR A 246 -15.66 10.07 12.66
C TYR A 246 -16.51 9.04 11.93
N LEU A 247 -17.14 8.17 12.71
CA LEU A 247 -18.28 7.39 12.25
C LEU A 247 -19.33 7.54 13.33
N LYS A 248 -20.38 8.29 13.04
CA LYS A 248 -21.39 8.62 14.04
C LYS A 248 -22.60 7.73 13.83
N VAL A 249 -23.06 7.10 14.91
CA VAL A 249 -24.17 6.16 14.88
C VAL A 249 -25.31 6.79 15.67
N PHE A 250 -26.45 6.97 14.99
CA PHE A 250 -27.69 7.45 15.60
C PHE A 250 -28.74 6.36 15.38
N GLU A 251 -29.34 5.88 16.46
CA GLU A 251 -30.40 4.88 16.40
C GLU A 251 -31.54 5.37 17.29
N PRO A 252 -32.62 5.89 16.69
CA PRO A 252 -33.57 6.71 17.44
C PRO A 252 -34.53 5.92 18.32
N LYS A 253 -34.83 4.68 17.92
CA LYS A 253 -35.75 3.89 18.71
C LYS A 253 -35.05 3.25 19.91
N LEU A 254 -33.89 2.63 19.67
CA LEU A 254 -33.19 1.86 20.70
C LEU A 254 -32.37 2.75 21.62
N ASN A 255 -32.18 2.26 22.85
CA ASN A 255 -31.63 3.03 23.96
C ASN A 255 -30.11 2.94 24.08
N TYR A 256 -29.40 2.83 22.97
CA TYR A 256 -27.98 3.12 22.95
C TYR A 256 -27.72 4.30 22.01
N SER A 257 -26.60 4.99 22.24
CA SER A 257 -26.24 6.15 21.43
C SER A 257 -24.79 6.08 20.99
N ASP A 258 -24.28 7.18 20.42
CA ASP A 258 -23.00 7.15 19.74
C ASP A 258 -21.86 6.84 20.71
N HIS A 259 -21.89 7.41 21.92
CA HIS A 259 -20.78 7.17 22.84
C HIS A 259 -20.78 5.76 23.40
N ASP A 260 -21.81 4.97 23.11
CA ASP A 260 -21.87 3.57 23.51
C ASP A 260 -21.17 2.64 22.52
N VAL A 261 -20.94 3.11 21.30
CA VAL A 261 -20.47 2.28 20.20
C VAL A 261 -18.94 2.22 20.25
N ILE A 262 -18.41 1.00 20.22
CA ILE A 262 -16.96 0.76 20.20
C ILE A 262 -16.51 0.76 18.75
N LYS A 263 -15.54 1.63 18.41
CA LYS A 263 -15.20 1.91 17.02
C LYS A 263 -13.71 1.75 16.74
N TRP A 264 -13.38 0.99 15.70
CA TRP A 264 -11.99 0.74 15.33
C TRP A 264 -11.76 1.11 13.88
N VAL A 265 -10.55 1.55 13.58
CA VAL A 265 -10.13 1.81 12.21
C VAL A 265 -8.74 1.21 11.98
N ARG A 266 -8.49 0.76 10.76
CA ARG A 266 -7.15 0.39 10.36
C ARG A 266 -6.94 0.78 8.90
N TYR A 267 -5.69 1.07 8.57
CA TYR A 267 -5.27 1.46 7.23
C TYR A 267 -4.29 0.42 6.70
N ILE A 268 -4.55 -0.10 5.51
CA ILE A 268 -3.64 -1.05 4.86
C ILE A 268 -3.32 -0.50 3.49
N GLY A 269 -2.18 0.17 3.37
CA GLY A 269 -1.70 0.66 2.10
C GLY A 269 -0.75 -0.38 1.52
N ARG A 270 -1.05 -0.85 0.32
CA ARG A 270 -0.17 -1.81 -0.34
C ARG A 270 0.27 -1.23 -1.68
N SER A 271 1.41 -1.71 -2.14
CA SER A 271 1.87 -1.34 -3.47
C SER A 271 0.99 -1.98 -4.54
N GLY A 272 0.74 -1.23 -5.61
CA GLY A 272 0.30 -1.80 -6.87
C GLY A 272 1.50 -2.01 -7.77
N ILE A 273 1.46 -1.39 -8.95
CA ILE A 273 2.65 -1.23 -9.79
C ILE A 273 3.49 -0.12 -9.18
N TYR A 274 4.68 -0.48 -8.69
CA TYR A 274 5.56 0.46 -7.97
C TYR A 274 6.96 0.26 -8.55
N GLU A 275 7.20 0.93 -9.68
CA GLU A 275 8.34 0.68 -10.54
C GLU A 275 9.22 1.93 -10.65
N THR A 276 10.53 1.72 -10.56
CA THR A 276 11.51 2.78 -10.75
C THR A 276 12.42 2.38 -11.90
N ARG A 277 12.52 3.23 -12.90
CA ARG A 277 13.36 2.92 -14.06
C ARG A 277 14.82 3.06 -13.70
N CYS A 278 15.62 2.04 -14.03
CA CYS A 278 17.05 2.13 -13.74
C CYS A 278 17.84 2.47 -15.00
N GLY B 1 -2.62 -2.00 12.49
CA GLY B 1 -3.76 -2.85 12.80
C GLY B 1 -4.90 -1.99 13.28
N TYR B 2 -5.99 -2.60 13.78
CA TYR B 2 -7.10 -1.83 14.29
C TYR B 2 -6.67 -1.00 15.48
N MET B 3 -6.96 0.29 15.41
CA MET B 3 -6.74 1.29 16.44
C MET B 3 -8.06 1.94 16.82
N PRO B 4 -8.25 2.27 18.09
CA PRO B 4 -9.49 2.95 18.49
C PRO B 4 -9.65 4.25 17.74
N MET B 5 -10.87 4.48 17.27
CA MET B 5 -11.19 5.68 16.51
C MET B 5 -11.35 6.84 17.48
N SER B 6 -10.77 7.98 17.14
CA SER B 6 -10.74 9.11 18.07
C SER B 6 -11.87 10.09 17.81
#